data_5ZBQ
#
_entry.id   5ZBQ
#
_cell.length_a   37.840
_cell.length_b   100.680
_cell.length_c   83.160
_cell.angle_alpha   90.00
_cell.angle_beta   98.76
_cell.angle_gamma   90.00
#
_symmetry.space_group_name_H-M   'P 1 21 1'
#
loop_
_entity.id
_entity.type
_entity.pdbx_description
1 polymer 'Neuropeptide Y receptor type 1,T4 Lysozyme'
2 non-polymer "N~2~-(diphenylacetyl)-N-[(4-hydroxyphenyl)methyl]-N~5~-(N'-{[2-(propanoylamino)ethyl]carbamoyl}carbamimidoyl)-D-ornithinamide"
#
_entity_poly.entity_id   1
_entity_poly.type   'polypeptide(L)'
_entity_poly.pdbx_seq_one_letter_code
;NSTLFSQVENHSVHSNFSEKNAQLLAFENDDCHLPLAMIFTLALAYGAVIILGVSGNLALIIIILKQKEMRNVTNILIVN
LSFSDLLVAIMCLPFTFVYTLMDHWVFGEAMCKLNPFVQCVSITVSIWSLVLIAVERHQLIINPRGWRPNNRHAYVGIAV
IWVLAVASSLPFLIYQVMTDEPFQNVTLDAYKDKYVCFDQFPSDSHRLSYTTLLLVLQYFGPLCFIFICYFKIYIRLKRR
NNMMDKMRDNKYRSSETKRINIMLLSIVVAFAVCWLPLTIFNTVFDWNHQIIATCNHNLLFLLCHLTAMISTCVNPIFYG
FLNKNFQRDLQFFFNFCDFRSRDDDYETIAMSTMHTDEFLEVLFQNIFEMLRIDEGLRLKIYKDTEGYYTIGIGHLLTKS
PSLNAAKSELDKAIGRNTNGVITKDEAEKLFNQDVDAAVRGILRNAKLKPVYDSLDAVRRAALINMVFQMGETGVAGFTN
SLRMLQQKRWDEAAVNLAKSRWYNQTPNRAKRVITTFRTGTWDAY
;
_entity_poly.pdbx_strand_id   A
#
loop_
_chem_comp.id
_chem_comp.type
_chem_comp.name
_chem_comp.formula
9AO non-polymer N~2~-(diphenylacetyl)-N-[(4-hydroxyphenyl)methyl]-N~5~-(N'-{[2-(propanoylamino)ethyl]carbamoyl}carbamimidoyl)-D-ornithinamide 'C33 H41 N7 O5'
#
# COMPACT_ATOMS: atom_id res chain seq x y z
N PHE A 17 28.06 -23.79 -33.34
CA PHE A 17 26.73 -23.35 -33.74
C PHE A 17 26.34 -22.05 -33.04
N SER A 18 25.97 -21.02 -33.85
CA SER A 18 25.60 -19.69 -33.35
C SER A 18 24.09 -19.54 -33.08
N GLU A 19 23.62 -20.25 -32.03
CA GLU A 19 22.24 -20.22 -31.54
C GLU A 19 22.07 -18.98 -30.65
N LYS A 20 23.19 -18.48 -30.08
CA LYS A 20 23.27 -17.30 -29.23
C LYS A 20 23.05 -16.02 -30.05
N ASN A 21 23.57 -15.99 -31.29
CA ASN A 21 23.44 -14.87 -32.23
C ASN A 21 22.00 -14.63 -32.68
N ALA A 22 21.14 -15.67 -32.62
CA ALA A 22 19.72 -15.62 -32.96
C ALA A 22 18.89 -15.07 -31.79
N GLN A 23 19.49 -14.99 -30.58
CA GLN A 23 18.84 -14.49 -29.35
C GLN A 23 19.06 -12.99 -29.15
N LEU A 24 19.72 -12.34 -30.13
CA LEU A 24 19.99 -10.92 -30.17
C LEU A 24 18.89 -10.24 -30.96
N LEU A 25 18.38 -9.13 -30.40
CA LEU A 25 17.33 -8.30 -30.99
C LEU A 25 17.80 -7.68 -32.33
N ALA A 26 16.85 -7.42 -33.23
CA ALA A 26 17.09 -6.81 -34.53
C ALA A 26 16.42 -5.45 -34.60
N PHE A 27 17.14 -4.46 -35.12
CA PHE A 27 16.65 -3.09 -35.28
C PHE A 27 16.86 -2.67 -36.73
N GLU A 28 15.93 -1.90 -37.31
CA GLU A 28 16.06 -1.43 -38.69
C GLU A 28 15.15 -0.32 -39.08
N ASN A 29 15.24 0.77 -38.37
CA ASN A 29 14.51 1.95 -38.79
C ASN A 29 15.47 3.10 -38.56
N ASP A 30 16.63 3.10 -39.26
CA ASP A 30 17.69 4.11 -39.17
C ASP A 30 17.16 5.54 -39.33
N ASP A 31 16.01 5.69 -40.02
CA ASP A 31 15.29 6.94 -40.21
C ASP A 31 14.52 7.35 -38.91
N CYS A 32 15.33 7.64 -37.83
CA CYS A 32 14.98 8.06 -36.43
C CYS A 32 15.24 9.53 -36.35
N HIS A 33 14.23 10.38 -36.53
CA HIS A 33 14.53 11.81 -36.47
C HIS A 33 13.65 12.55 -35.51
N LEU A 34 14.20 12.87 -34.35
CA LEU A 34 13.43 13.58 -33.34
C LEU A 34 13.79 15.05 -33.34
N PRO A 35 12.80 15.98 -33.24
CA PRO A 35 13.14 17.40 -33.18
C PRO A 35 13.98 17.71 -31.94
N LEU A 36 15.08 18.48 -32.13
CA LEU A 36 15.99 18.90 -31.06
C LEU A 36 15.22 19.38 -29.84
N ALA A 37 14.06 20.05 -30.07
CA ALA A 37 13.18 20.56 -29.04
C ALA A 37 12.73 19.46 -28.08
N MET A 38 12.30 18.29 -28.63
CA MET A 38 11.87 17.14 -27.84
C MET A 38 13.06 16.48 -27.11
N ILE A 39 14.23 16.36 -27.78
CA ILE A 39 15.47 15.80 -27.21
C ILE A 39 15.92 16.64 -26.02
N PHE A 40 15.98 17.98 -26.19
CA PHE A 40 16.35 18.95 -25.17
C PHE A 40 15.38 18.85 -23.98
N THR A 41 14.06 18.71 -24.26
CA THR A 41 13.00 18.57 -23.24
C THR A 41 13.24 17.31 -22.40
N LEU A 42 13.66 16.21 -23.08
CA LEU A 42 13.98 14.94 -22.43
C LEU A 42 15.27 15.04 -21.62
N ALA A 43 16.24 15.86 -22.08
CA ALA A 43 17.51 16.09 -21.40
C ALA A 43 17.31 16.89 -20.11
N LEU A 44 16.30 17.80 -20.12
CA LEU A 44 15.92 18.60 -18.96
C LEU A 44 15.14 17.73 -17.98
N ALA A 45 14.25 16.86 -18.51
CA ALA A 45 13.44 15.94 -17.71
C ALA A 45 14.35 14.93 -17.00
N TYR A 46 15.27 14.29 -17.76
CA TYR A 46 16.24 13.34 -17.20
C TYR A 46 17.19 14.05 -16.23
N GLY A 47 17.58 15.27 -16.56
CA GLY A 47 18.42 16.13 -15.72
C GLY A 47 17.76 16.45 -14.40
N ALA A 48 16.44 16.77 -14.43
CA ALA A 48 15.61 17.06 -13.26
C ALA A 48 15.47 15.83 -12.35
N VAL A 49 15.19 14.63 -12.93
CA VAL A 49 15.04 13.40 -12.14
C VAL A 49 16.41 12.97 -11.58
N ILE A 50 17.52 13.21 -12.32
CA ILE A 50 18.88 12.88 -11.85
C ILE A 50 19.23 13.75 -10.62
N ILE A 51 18.96 15.08 -10.69
CA ILE A 51 19.24 15.96 -9.55
C ILE A 51 18.26 15.64 -8.39
N LEU A 52 16.92 15.60 -8.60
CA LEU A 52 15.94 15.27 -7.54
C LEU A 52 16.20 13.90 -6.87
N GLY A 53 16.69 12.94 -7.65
CA GLY A 53 17.01 11.59 -7.19
C GLY A 53 18.21 11.56 -6.28
N VAL A 54 19.32 12.19 -6.71
CA VAL A 54 20.58 12.28 -5.94
C VAL A 54 20.40 13.19 -4.71
N SER A 55 19.76 14.36 -4.88
CA SER A 55 19.54 15.32 -3.80
C SER A 55 18.51 14.84 -2.78
N GLY A 56 17.32 14.45 -3.25
CA GLY A 56 16.22 13.95 -2.42
C GLY A 56 16.54 12.71 -1.60
N ASN A 57 17.16 11.69 -2.23
CA ASN A 57 17.52 10.45 -1.54
C ASN A 57 18.64 10.66 -0.53
N LEU A 58 19.71 11.41 -0.89
CA LEU A 58 20.83 11.70 0.02
C LEU A 58 20.33 12.39 1.28
N ALA A 59 19.43 13.40 1.09
CA ALA A 59 18.79 14.15 2.17
C ALA A 59 17.99 13.19 3.06
N LEU A 60 17.17 12.31 2.44
CA LEU A 60 16.35 11.31 3.12
C LEU A 60 17.20 10.30 3.93
N ILE A 61 18.32 9.83 3.35
CA ILE A 61 19.26 8.90 3.99
C ILE A 61 19.89 9.57 5.22
N ILE A 62 20.44 10.78 5.05
CA ILE A 62 21.09 11.55 6.12
C ILE A 62 20.09 11.93 7.24
N ILE A 63 18.89 12.43 6.87
CA ILE A 63 17.85 12.82 7.84
C ILE A 63 17.40 11.63 8.71
N ILE A 64 17.15 10.44 8.12
CA ILE A 64 16.74 9.25 8.88
C ILE A 64 17.89 8.77 9.80
N LEU A 65 19.14 8.70 9.27
CA LEU A 65 20.30 8.29 10.06
C LEU A 65 20.61 9.24 11.24
N LYS A 66 20.58 10.59 11.00
CA LYS A 66 20.86 11.60 12.03
C LYS A 66 19.75 11.67 13.11
N GLN A 67 18.49 11.37 12.75
CA GLN A 67 17.38 11.37 13.71
C GLN A 67 17.33 10.00 14.37
N LYS A 68 17.97 9.88 15.56
CA LYS A 68 18.07 8.63 16.32
C LYS A 68 16.78 8.28 17.08
N GLU A 69 16.06 7.28 16.56
CA GLU A 69 14.83 6.71 17.12
C GLU A 69 15.16 5.27 17.52
N MET A 70 15.01 4.97 18.82
CA MET A 70 15.32 3.68 19.44
C MET A 70 14.73 2.45 18.73
N ARG A 71 13.45 2.54 18.25
CA ARG A 71 12.79 1.40 17.57
C ARG A 71 12.02 1.84 16.29
N ASN A 72 12.72 1.99 15.14
CA ASN A 72 12.11 2.38 13.86
C ASN A 72 12.47 1.44 12.71
N VAL A 73 11.58 0.47 12.43
CA VAL A 73 11.72 -0.58 11.40
C VAL A 73 11.44 -0.04 9.98
N THR A 74 10.33 0.71 9.81
CA THR A 74 9.87 1.26 8.54
C THR A 74 10.92 2.15 7.85
N ASN A 75 11.47 3.13 8.58
CA ASN A 75 12.43 4.09 8.06
C ASN A 75 13.76 3.46 7.66
N ILE A 76 14.18 2.35 8.33
CA ILE A 76 15.40 1.59 8.02
C ILE A 76 15.25 0.94 6.64
N LEU A 77 14.02 0.52 6.31
CA LEU A 77 13.68 -0.09 5.03
C LEU A 77 13.51 0.98 3.94
N ILE A 78 13.24 2.24 4.33
CA ILE A 78 13.11 3.37 3.41
C ILE A 78 14.51 3.86 3.02
N VAL A 79 15.50 3.70 3.94
CA VAL A 79 16.90 4.02 3.67
C VAL A 79 17.40 3.02 2.63
N ASN A 80 17.07 1.74 2.83
CA ASN A 80 17.38 0.61 1.95
C ASN A 80 16.91 0.92 0.52
N LEU A 81 15.64 1.29 0.38
CA LEU A 81 14.96 1.65 -0.85
C LEU A 81 15.63 2.85 -1.54
N SER A 82 15.85 3.96 -0.80
CA SER A 82 16.44 5.20 -1.32
C SER A 82 17.93 5.08 -1.65
N PHE A 83 18.66 4.14 -1.01
CA PHE A 83 20.06 3.91 -1.35
C PHE A 83 20.13 3.18 -2.71
N SER A 84 19.18 2.27 -2.98
CA SER A 84 19.14 1.53 -4.25
C SER A 84 18.72 2.45 -5.40
N ASP A 85 17.89 3.48 -5.10
CA ASP A 85 17.42 4.47 -6.07
C ASP A 85 18.51 5.49 -6.35
N LEU A 86 19.45 5.63 -5.39
CA LEU A 86 20.61 6.51 -5.49
C LEU A 86 21.64 5.85 -6.40
N LEU A 87 21.69 4.50 -6.36
CA LEU A 87 22.59 3.68 -7.19
C LEU A 87 22.21 3.79 -8.66
N VAL A 88 20.91 3.67 -8.99
CA VAL A 88 20.36 3.79 -10.35
C VAL A 88 20.69 5.16 -10.96
N ALA A 89 20.51 6.26 -10.18
CA ALA A 89 20.77 7.64 -10.60
C ALA A 89 22.21 7.86 -11.03
N ILE A 90 23.18 7.24 -10.34
CA ILE A 90 24.61 7.36 -10.66
C ILE A 90 25.03 6.37 -11.74
N MET A 91 24.84 5.05 -11.47
CA MET A 91 25.25 3.92 -12.29
C MET A 91 24.44 3.62 -13.56
N CYS A 92 23.13 3.91 -13.58
CA CYS A 92 22.28 3.54 -14.74
C CYS A 92 21.74 4.73 -15.52
N LEU A 93 20.78 5.45 -14.93
CA LEU A 93 20.01 6.58 -15.45
C LEU A 93 20.71 7.48 -16.51
N PRO A 94 21.92 8.08 -16.29
CA PRO A 94 22.49 8.93 -17.34
C PRO A 94 22.99 8.15 -18.54
N PHE A 95 23.57 6.96 -18.28
CA PHE A 95 24.12 6.03 -19.27
C PHE A 95 23.04 5.47 -20.19
N THR A 96 21.90 5.06 -19.63
CA THR A 96 20.76 4.54 -20.39
C THR A 96 20.20 5.64 -21.29
N PHE A 97 20.11 6.88 -20.79
CA PHE A 97 19.58 8.02 -21.53
C PHE A 97 20.41 8.42 -22.78
N VAL A 98 21.70 8.81 -22.61
CA VAL A 98 22.55 9.21 -23.74
C VAL A 98 22.71 8.08 -24.75
N TYR A 99 22.79 6.81 -24.29
CA TYR A 99 22.88 5.62 -25.14
C TYR A 99 21.71 5.51 -26.12
N THR A 100 20.48 5.81 -25.66
CA THR A 100 19.28 5.77 -26.49
C THR A 100 19.32 6.86 -27.58
N LEU A 101 19.91 8.03 -27.24
CA LEU A 101 20.03 9.19 -28.13
C LEU A 101 21.13 9.00 -29.17
N MET A 102 22.35 8.64 -28.72
CA MET A 102 23.52 8.40 -29.58
C MET A 102 23.28 7.23 -30.53
N ASP A 103 22.51 6.24 -30.06
CA ASP A 103 22.14 4.99 -30.73
C ASP A 103 23.38 4.10 -31.01
N HIS A 104 24.29 4.02 -30.00
CA HIS A 104 25.50 3.19 -29.90
C HIS A 104 26.20 3.40 -28.55
N TRP A 105 26.60 2.29 -27.92
CA TRP A 105 27.26 2.24 -26.62
C TRP A 105 28.72 2.74 -26.67
N VAL A 106 29.00 3.90 -26.04
CA VAL A 106 30.34 4.51 -26.02
C VAL A 106 31.06 4.32 -24.67
N PHE A 107 30.48 3.52 -23.78
CA PHE A 107 31.06 3.25 -22.47
C PHE A 107 31.71 1.86 -22.52
N GLY A 108 32.21 1.36 -21.39
CA GLY A 108 32.86 0.07 -21.37
C GLY A 108 31.90 -1.11 -21.41
N GLU A 109 32.46 -2.33 -21.54
CA GLU A 109 31.64 -3.55 -21.51
C GLU A 109 31.21 -3.79 -20.06
N ALA A 110 32.00 -3.25 -19.09
CA ALA A 110 31.71 -3.33 -17.66
C ALA A 110 30.44 -2.54 -17.35
N MET A 111 30.35 -1.27 -17.86
CA MET A 111 29.17 -0.40 -17.70
C MET A 111 27.99 -0.99 -18.45
N CYS A 112 28.27 -1.66 -19.59
CA CYS A 112 27.28 -2.35 -20.41
C CYS A 112 26.58 -3.42 -19.58
N LYS A 113 27.35 -4.28 -18.90
CA LYS A 113 26.82 -5.35 -18.07
C LYS A 113 26.20 -4.83 -16.78
N LEU A 114 26.79 -3.79 -16.18
CA LEU A 114 26.30 -3.19 -14.95
C LEU A 114 24.98 -2.48 -15.10
N ASN A 115 24.75 -1.79 -16.23
CA ASN A 115 23.51 -1.04 -16.52
C ASN A 115 22.21 -1.86 -16.28
N PRO A 116 21.97 -3.05 -16.90
CA PRO A 116 20.73 -3.78 -16.60
C PRO A 116 20.76 -4.51 -15.27
N PHE A 117 21.95 -4.98 -14.83
CA PHE A 117 22.15 -5.70 -13.57
C PHE A 117 21.79 -4.80 -12.39
N VAL A 118 22.47 -3.63 -12.26
CA VAL A 118 22.24 -2.64 -11.19
C VAL A 118 20.78 -2.15 -11.19
N GLN A 119 20.20 -1.88 -12.36
CA GLN A 119 18.80 -1.47 -12.45
C GLN A 119 17.88 -2.58 -11.92
N CYS A 120 18.09 -3.85 -12.37
CA CYS A 120 17.32 -5.01 -11.94
C CYS A 120 17.44 -5.27 -10.42
N VAL A 121 18.66 -5.13 -9.86
CA VAL A 121 18.96 -5.29 -8.42
C VAL A 121 18.13 -4.26 -7.65
N SER A 122 18.13 -3.00 -8.12
CA SER A 122 17.41 -1.88 -7.52
C SER A 122 15.88 -2.02 -7.52
N ILE A 123 15.28 -2.58 -8.60
CA ILE A 123 13.82 -2.81 -8.69
C ILE A 123 13.40 -3.78 -7.58
N THR A 124 14.09 -4.94 -7.49
CA THR A 124 13.89 -5.99 -6.49
C THR A 124 14.14 -5.43 -5.08
N VAL A 125 15.25 -4.68 -4.86
CA VAL A 125 15.59 -4.07 -3.56
C VAL A 125 14.49 -3.10 -3.09
N SER A 126 13.91 -2.29 -4.00
CA SER A 126 12.85 -1.35 -3.66
C SER A 126 11.53 -2.06 -3.29
N ILE A 127 11.06 -3.00 -4.14
CA ILE A 127 9.77 -3.67 -3.99
C ILE A 127 9.71 -4.67 -2.82
N TRP A 128 10.81 -5.37 -2.53
CA TRP A 128 10.83 -6.34 -1.44
C TRP A 128 11.02 -5.64 -0.10
N SER A 129 11.47 -4.36 -0.12
CA SER A 129 11.56 -3.49 1.06
C SER A 129 10.12 -3.08 1.34
N LEU A 130 9.39 -2.62 0.30
CA LEU A 130 7.98 -2.24 0.36
C LEU A 130 7.09 -3.41 0.81
N VAL A 131 7.51 -4.66 0.50
CA VAL A 131 6.85 -5.90 0.94
C VAL A 131 6.98 -5.97 2.46
N LEU A 132 8.23 -5.87 2.99
CA LEU A 132 8.54 -5.92 4.42
C LEU A 132 7.86 -4.83 5.23
N ILE A 133 7.76 -3.60 4.68
CA ILE A 133 7.08 -2.45 5.28
C ILE A 133 5.58 -2.75 5.39
N ALA A 134 4.96 -3.35 4.35
CA ALA A 134 3.54 -3.74 4.37
C ALA A 134 3.30 -4.77 5.49
N VAL A 135 4.23 -5.73 5.67
CA VAL A 135 4.20 -6.76 6.72
C VAL A 135 4.31 -6.09 8.10
N GLU A 136 5.27 -5.16 8.24
CA GLU A 136 5.52 -4.38 9.45
C GLU A 136 4.25 -3.66 9.87
N ARG A 137 3.59 -2.94 8.94
CA ARG A 137 2.35 -2.20 9.19
C ARG A 137 1.15 -3.13 9.42
N HIS A 138 1.17 -4.34 8.83
CA HIS A 138 0.11 -5.35 8.98
C HIS A 138 0.18 -5.93 10.38
N GLN A 139 1.41 -6.17 10.88
CA GLN A 139 1.67 -6.72 12.20
C GLN A 139 1.34 -5.71 13.32
N LEU A 140 1.39 -4.40 13.03
CA LEU A 140 1.10 -3.33 14.00
C LEU A 140 -0.38 -3.10 14.24
N ILE A 141 -1.23 -3.46 13.27
CA ILE A 141 -2.67 -3.22 13.36
C ILE A 141 -3.48 -4.53 13.54
N ILE A 142 -3.18 -5.57 12.75
CA ILE A 142 -3.88 -6.86 12.81
C ILE A 142 -3.45 -7.68 14.06
N ASN A 143 -2.13 -7.82 14.31
CA ASN A 143 -1.64 -8.57 15.48
C ASN A 143 -0.80 -7.69 16.44
N PRO A 144 -1.39 -6.67 17.13
CA PRO A 144 -0.56 -5.86 18.06
C PRO A 144 -0.17 -6.58 19.35
N ARG A 145 -0.76 -7.76 19.61
CA ARG A 145 -0.49 -8.63 20.75
C ARG A 145 0.90 -9.29 20.61
N GLY A 146 1.33 -9.51 19.37
CA GLY A 146 2.61 -10.11 19.04
C GLY A 146 3.77 -9.13 18.94
N TRP A 147 3.50 -7.88 18.45
CA TRP A 147 4.44 -6.77 18.21
C TRP A 147 5.88 -7.24 17.89
N ARG A 148 6.00 -8.11 16.86
CA ARG A 148 7.24 -8.72 16.39
C ARG A 148 8.24 -7.78 15.67
N PRO A 149 7.85 -6.72 14.89
CA PRO A 149 8.87 -5.90 14.19
C PRO A 149 9.93 -5.22 15.07
N ASN A 150 11.20 -5.62 14.86
CA ASN A 150 12.40 -5.14 15.56
C ASN A 150 13.45 -4.70 14.54
N ASN A 151 14.38 -3.82 14.95
CA ASN A 151 15.48 -3.32 14.12
C ASN A 151 16.40 -4.45 13.66
N ARG A 152 16.69 -5.43 14.54
CA ARG A 152 17.53 -6.60 14.25
C ARG A 152 16.91 -7.47 13.14
N HIS A 153 15.56 -7.55 13.11
CA HIS A 153 14.78 -8.32 12.13
C HIS A 153 14.85 -7.65 10.76
N ALA A 154 14.92 -6.31 10.74
CA ALA A 154 15.02 -5.51 9.52
C ALA A 154 16.41 -5.63 8.90
N TYR A 155 17.47 -5.66 9.73
CA TYR A 155 18.88 -5.79 9.32
C TYR A 155 19.18 -7.13 8.64
N VAL A 156 18.43 -8.18 9.01
CA VAL A 156 18.54 -9.51 8.41
C VAL A 156 17.76 -9.46 7.07
N GLY A 157 16.57 -8.85 7.09
CA GLY A 157 15.71 -8.65 5.92
C GLY A 157 16.42 -7.95 4.78
N ILE A 158 17.11 -6.81 5.07
CA ILE A 158 17.87 -6.04 4.07
C ILE A 158 19.03 -6.89 3.47
N ALA A 159 19.76 -7.62 4.33
CA ALA A 159 20.87 -8.49 3.90
C ALA A 159 20.38 -9.66 3.03
N VAL A 160 19.17 -10.19 3.33
CA VAL A 160 18.53 -11.27 2.57
C VAL A 160 18.09 -10.70 1.22
N ILE A 161 17.38 -9.55 1.25
CA ILE A 161 16.88 -8.87 0.04
C ILE A 161 18.03 -8.57 -0.95
N TRP A 162 19.13 -7.90 -0.52
CA TRP A 162 20.27 -7.60 -1.40
C TRP A 162 20.95 -8.83 -1.98
N VAL A 163 21.23 -9.87 -1.14
CA VAL A 163 21.88 -11.11 -1.56
C VAL A 163 21.03 -11.81 -2.64
N LEU A 164 19.71 -11.92 -2.39
CA LEU A 164 18.77 -12.53 -3.32
C LEU A 164 18.53 -11.70 -4.58
N ALA A 165 18.47 -10.36 -4.45
CA ALA A 165 18.30 -9.44 -5.57
C ALA A 165 19.46 -9.59 -6.57
N VAL A 166 20.72 -9.63 -6.04
CA VAL A 166 21.95 -9.79 -6.82
C VAL A 166 21.93 -11.14 -7.54
N ALA A 167 21.71 -12.24 -6.80
CA ALA A 167 21.64 -13.61 -7.32
C ALA A 167 20.58 -13.76 -8.43
N SER A 168 19.41 -13.12 -8.24
CA SER A 168 18.30 -13.15 -9.20
C SER A 168 18.49 -12.19 -10.39
N SER A 169 19.48 -11.26 -10.31
CA SER A 169 19.79 -10.30 -11.39
C SER A 169 21.05 -10.65 -12.18
N LEU A 170 21.84 -11.63 -11.69
CA LEU A 170 23.08 -12.09 -12.34
C LEU A 170 22.91 -12.47 -13.80
N PRO A 171 21.81 -13.13 -14.27
CA PRO A 171 21.69 -13.40 -15.73
C PRO A 171 21.84 -12.14 -16.62
N PHE A 172 21.56 -10.93 -16.09
CA PHE A 172 21.76 -9.68 -16.83
C PHE A 172 23.24 -9.38 -16.93
N LEU A 173 23.98 -9.54 -15.82
CA LEU A 173 25.42 -9.34 -15.79
C LEU A 173 26.11 -10.38 -16.67
N ILE A 174 25.60 -11.63 -16.65
CA ILE A 174 26.16 -12.73 -17.42
C ILE A 174 25.85 -12.61 -18.92
N TYR A 175 24.57 -12.50 -19.31
CA TYR A 175 24.16 -12.54 -20.71
C TYR A 175 24.04 -11.19 -21.43
N GLN A 176 24.12 -10.02 -20.74
CA GLN A 176 24.12 -8.74 -21.45
C GLN A 176 25.50 -8.62 -22.11
N VAL A 177 25.51 -8.42 -23.42
CA VAL A 177 26.74 -8.37 -24.20
C VAL A 177 26.88 -7.05 -24.97
N MET A 178 28.13 -6.57 -25.09
CA MET A 178 28.44 -5.36 -25.86
C MET A 178 28.84 -5.90 -27.22
N THR A 179 27.91 -5.85 -28.17
CA THR A 179 28.05 -6.47 -29.48
C THR A 179 27.85 -5.52 -30.66
N ASP A 180 28.40 -5.91 -31.82
CA ASP A 180 28.29 -5.16 -33.06
C ASP A 180 27.65 -6.03 -34.15
N GLU A 181 27.32 -7.31 -33.81
CA GLU A 181 26.67 -8.29 -34.68
C GLU A 181 25.34 -7.75 -35.25
N PRO A 182 24.45 -7.07 -34.45
CA PRO A 182 23.20 -6.52 -35.03
C PRO A 182 23.43 -5.47 -36.12
N PHE A 183 24.64 -4.88 -36.16
CA PHE A 183 25.03 -3.87 -37.15
C PHE A 183 25.27 -4.43 -38.54
N GLN A 184 25.53 -5.74 -38.66
CA GLN A 184 25.76 -6.41 -39.95
C GLN A 184 24.59 -6.26 -40.90
N ASN A 185 23.36 -6.49 -40.41
CA ASN A 185 22.15 -6.43 -41.22
C ASN A 185 21.78 -5.05 -41.73
N VAL A 186 21.99 -4.00 -40.93
CA VAL A 186 21.68 -2.60 -41.27
C VAL A 186 22.81 -1.95 -42.08
N THR A 187 23.07 -2.47 -43.30
CA THR A 187 24.14 -1.96 -44.16
C THR A 187 25.43 -1.97 -43.32
N LEU A 188 25.88 -0.77 -42.87
CA LEU A 188 27.11 -0.52 -42.10
C LEU A 188 28.33 -0.88 -42.96
N ASP A 189 28.11 -1.09 -44.29
CA ASP A 189 29.22 -1.33 -45.19
C ASP A 189 29.80 0.06 -45.52
N ALA A 190 30.93 0.46 -44.87
CA ALA A 190 31.69 -0.30 -43.85
C ALA A 190 32.61 0.66 -43.13
N TYR A 191 32.07 1.62 -42.37
CA TYR A 191 32.96 2.63 -41.79
C TYR A 191 32.86 2.89 -40.28
N LYS A 192 31.71 2.63 -39.65
CA LYS A 192 31.49 3.03 -38.26
C LYS A 192 32.23 2.24 -37.14
N ASP A 193 32.26 0.88 -37.14
CA ASP A 193 32.88 0.07 -36.05
C ASP A 193 32.19 0.39 -34.68
N LYS A 194 30.85 0.37 -34.66
CA LYS A 194 30.06 0.74 -33.47
C LYS A 194 29.54 -0.47 -32.72
N TYR A 195 29.19 -0.31 -31.43
CA TYR A 195 28.67 -1.36 -30.58
C TYR A 195 27.37 -0.99 -29.90
N VAL A 196 26.52 -1.99 -29.69
CA VAL A 196 25.26 -1.88 -28.95
C VAL A 196 25.35 -2.75 -27.70
N CYS A 197 24.64 -2.34 -26.64
CA CYS A 197 24.62 -3.09 -25.39
C CYS A 197 23.29 -3.85 -25.29
N PHE A 198 23.28 -5.10 -25.81
CA PHE A 198 22.10 -5.98 -25.90
C PHE A 198 22.19 -7.25 -25.04
N ASP A 199 21.03 -7.79 -24.60
CA ASP A 199 21.01 -9.07 -23.88
C ASP A 199 21.10 -10.23 -24.88
N GLN A 200 21.89 -11.25 -24.53
CA GLN A 200 22.12 -12.43 -25.37
C GLN A 200 21.96 -13.71 -24.52
N PHE A 201 20.70 -14.01 -24.15
CA PHE A 201 20.35 -15.18 -23.35
C PHE A 201 20.67 -16.52 -24.08
N PRO A 202 20.86 -17.67 -23.37
CA PRO A 202 21.21 -18.92 -24.09
C PRO A 202 20.16 -19.40 -25.09
N SER A 203 18.86 -19.27 -24.76
CA SER A 203 17.76 -19.70 -25.64
C SER A 203 16.52 -18.81 -25.53
N ASP A 204 15.48 -19.14 -26.34
CA ASP A 204 14.18 -18.50 -26.34
C ASP A 204 13.48 -18.87 -25.03
N SER A 205 13.60 -20.15 -24.62
CA SER A 205 13.03 -20.68 -23.37
C SER A 205 13.71 -20.08 -22.15
N HIS A 206 15.07 -19.96 -22.15
CA HIS A 206 15.85 -19.38 -21.04
C HIS A 206 15.42 -17.93 -20.80
N ARG A 207 15.29 -17.14 -21.89
CA ARG A 207 14.88 -15.75 -21.86
C ARG A 207 13.47 -15.63 -21.29
N LEU A 208 12.48 -16.32 -21.93
CA LEU A 208 11.08 -16.31 -21.50
C LEU A 208 10.86 -16.82 -20.07
N SER A 209 11.64 -17.84 -19.60
CA SER A 209 11.50 -18.38 -18.24
C SER A 209 12.01 -17.37 -17.22
N TYR A 210 13.16 -16.75 -17.52
CA TYR A 210 13.79 -15.76 -16.66
C TYR A 210 13.02 -14.45 -16.60
N THR A 211 12.52 -13.99 -17.76
CA THR A 211 11.75 -12.76 -17.87
C THR A 211 10.40 -12.90 -17.12
N THR A 212 9.77 -14.11 -17.18
CA THR A 212 8.52 -14.44 -16.48
C THR A 212 8.82 -14.48 -14.98
N LEU A 213 9.98 -15.04 -14.60
CA LEU A 213 10.43 -15.11 -13.21
C LEU A 213 10.49 -13.70 -12.64
N LEU A 214 11.14 -12.75 -13.36
CA LEU A 214 11.27 -11.36 -12.95
C LEU A 214 9.92 -10.67 -12.82
N LEU A 215 9.03 -10.86 -13.79
CA LEU A 215 7.69 -10.26 -13.83
C LEU A 215 6.81 -10.73 -12.65
N VAL A 216 6.81 -12.03 -12.38
CA VAL A 216 6.04 -12.65 -11.31
C VAL A 216 6.69 -12.40 -9.92
N LEU A 217 8.00 -12.72 -9.77
CA LEU A 217 8.70 -12.57 -8.49
C LEU A 217 9.09 -11.13 -8.09
N GLN A 218 9.18 -10.19 -9.04
CA GLN A 218 9.56 -8.81 -8.68
C GLN A 218 8.45 -7.77 -8.96
N TYR A 219 7.38 -8.13 -9.71
CA TYR A 219 6.32 -7.15 -9.99
C TYR A 219 4.90 -7.64 -9.60
N PHE A 220 4.23 -8.47 -10.42
CA PHE A 220 2.86 -8.92 -10.14
C PHE A 220 2.68 -9.60 -8.79
N GLY A 221 3.63 -10.43 -8.42
CA GLY A 221 3.61 -11.15 -7.14
C GLY A 221 3.72 -10.23 -5.94
N PRO A 222 4.87 -9.51 -5.77
CA PRO A 222 5.01 -8.62 -4.60
C PRO A 222 3.91 -7.59 -4.41
N LEU A 223 3.40 -7.01 -5.52
CA LEU A 223 2.34 -6.00 -5.48
C LEU A 223 1.00 -6.59 -5.04
N CYS A 224 0.72 -7.86 -5.40
CA CYS A 224 -0.50 -8.58 -5.00
C CYS A 224 -0.52 -8.74 -3.49
N PHE A 225 0.62 -9.16 -2.91
CA PHE A 225 0.80 -9.39 -1.50
C PHE A 225 0.62 -8.10 -0.71
N ILE A 226 1.23 -6.98 -1.19
CA ILE A 226 1.17 -5.65 -0.57
C ILE A 226 -0.26 -5.13 -0.56
N PHE A 227 -0.95 -5.17 -1.71
CA PHE A 227 -2.32 -4.70 -1.82
C PHE A 227 -3.25 -5.49 -0.91
N ILE A 228 -3.01 -6.81 -0.76
CA ILE A 228 -3.77 -7.68 0.16
C ILE A 228 -3.53 -7.19 1.60
N CYS A 229 -2.26 -6.85 1.95
CA CYS A 229 -1.86 -6.35 3.27
C CYS A 229 -2.62 -5.08 3.66
N TYR A 230 -2.58 -4.05 2.79
CA TYR A 230 -3.24 -2.77 3.02
C TYR A 230 -4.76 -2.87 2.99
N PHE A 231 -5.30 -3.88 2.32
CA PHE A 231 -6.74 -4.10 2.26
C PHE A 231 -7.20 -4.79 3.56
N LYS A 232 -6.38 -5.73 4.10
CA LYS A 232 -6.63 -6.43 5.37
C LYS A 232 -6.59 -5.42 6.52
N ILE A 233 -5.71 -4.40 6.41
CA ILE A 233 -5.54 -3.26 7.33
C ILE A 233 -6.78 -2.37 7.23
N TYR A 234 -7.23 -2.02 5.98
CA TYR A 234 -8.42 -1.21 5.68
C TYR A 234 -9.70 -1.80 6.29
N ILE A 235 -9.98 -3.10 6.02
CA ILE A 235 -11.18 -3.81 6.50
C ILE A 235 -11.20 -3.99 8.03
N ARG A 236 -10.01 -4.17 8.67
CA ARG A 236 -9.89 -4.33 10.12
C ARG A 236 -10.29 -3.05 10.84
N LEU A 237 -9.76 -1.90 10.37
CA LEU A 237 -10.00 -0.58 10.94
C LEU A 237 -11.47 -0.17 10.87
N LYS A 238 -12.21 -0.61 9.84
CA LYS A 238 -13.65 -0.32 9.68
C LYS A 238 -14.47 -1.07 10.74
N ARG A 239 -14.08 -2.32 11.03
CA ARG A 239 -14.72 -3.14 12.06
C ARG A 239 -14.35 -2.61 13.45
N ARG A 240 -13.06 -2.24 13.66
CA ARG A 240 -12.54 -1.69 14.92
C ARG A 240 -13.13 -0.33 15.27
N SER A 255 -2.29 6.53 18.72
CA SER A 255 -1.88 6.01 17.41
C SER A 255 -2.33 6.93 16.25
N GLU A 256 -1.59 8.04 16.04
CA GLU A 256 -1.86 9.01 14.98
C GLU A 256 -0.98 8.76 13.72
N THR A 257 -0.60 7.48 13.52
CA THR A 257 0.22 7.01 12.41
C THR A 257 -0.64 6.67 11.15
N LYS A 258 -1.80 7.34 11.00
CA LYS A 258 -2.71 7.17 9.86
C LYS A 258 -2.11 7.88 8.64
N ARG A 259 -1.48 9.06 8.86
CA ARG A 259 -0.81 9.88 7.84
C ARG A 259 0.36 9.13 7.22
N ILE A 260 1.00 8.25 8.03
CA ILE A 260 2.15 7.42 7.65
C ILE A 260 1.67 6.29 6.73
N ASN A 261 0.64 5.53 7.15
CA ASN A 261 0.06 4.42 6.40
C ASN A 261 -0.50 4.84 5.04
N ILE A 262 -1.02 6.09 4.93
CA ILE A 262 -1.54 6.64 3.68
C ILE A 262 -0.34 7.01 2.80
N MET A 263 0.75 7.53 3.39
CA MET A 263 1.98 7.88 2.67
C MET A 263 2.67 6.63 2.08
N LEU A 264 2.84 5.57 2.90
CA LEU A 264 3.48 4.31 2.51
C LEU A 264 2.72 3.61 1.38
N LEU A 265 1.38 3.69 1.42
CA LEU A 265 0.52 3.12 0.39
C LEU A 265 0.71 3.88 -0.93
N SER A 266 0.78 5.23 -0.85
CA SER A 266 0.97 6.11 -1.99
C SER A 266 2.38 6.03 -2.61
N ILE A 267 3.33 5.39 -1.89
CA ILE A 267 4.70 5.13 -2.33
C ILE A 267 4.72 3.85 -3.20
N VAL A 268 3.94 2.81 -2.81
CA VAL A 268 3.78 1.54 -3.52
C VAL A 268 3.00 1.82 -4.81
N VAL A 269 1.89 2.59 -4.70
CA VAL A 269 1.05 2.98 -5.83
C VAL A 269 1.90 3.74 -6.85
N ALA A 270 2.79 4.65 -6.36
CA ALA A 270 3.71 5.44 -7.18
C ALA A 270 4.69 4.55 -7.93
N PHE A 271 5.36 3.62 -7.23
CA PHE A 271 6.30 2.65 -7.81
C PHE A 271 5.61 1.84 -8.88
N ALA A 272 4.48 1.18 -8.54
CA ALA A 272 3.70 0.35 -9.46
C ALA A 272 3.27 1.09 -10.72
N VAL A 273 2.76 2.33 -10.58
CA VAL A 273 2.26 3.15 -11.69
C VAL A 273 3.41 3.65 -12.61
N CYS A 274 4.58 4.01 -12.05
CA CYS A 274 5.77 4.44 -12.79
C CYS A 274 6.38 3.30 -13.61
N TRP A 275 6.38 2.08 -13.06
CA TRP A 275 6.93 0.90 -13.70
C TRP A 275 5.99 0.20 -14.68
N LEU A 276 4.67 0.33 -14.51
CA LEU A 276 3.69 -0.32 -15.37
C LEU A 276 3.95 -0.10 -16.90
N PRO A 277 4.08 1.15 -17.44
CA PRO A 277 4.35 1.28 -18.89
C PRO A 277 5.62 0.58 -19.37
N LEU A 278 6.73 0.65 -18.59
CA LEU A 278 7.98 -0.02 -18.95
C LEU A 278 7.82 -1.54 -18.86
N THR A 279 7.10 -2.04 -17.81
CA THR A 279 6.84 -3.47 -17.65
C THR A 279 6.12 -4.00 -18.89
N ILE A 280 5.02 -3.32 -19.32
CA ILE A 280 4.23 -3.66 -20.52
C ILE A 280 5.13 -3.65 -21.76
N PHE A 281 5.89 -2.56 -21.96
CA PHE A 281 6.79 -2.38 -23.11
C PHE A 281 7.78 -3.55 -23.19
N ASN A 282 8.63 -3.72 -22.16
CA ASN A 282 9.64 -4.78 -22.10
C ASN A 282 9.05 -6.18 -22.27
N THR A 283 7.94 -6.50 -21.58
CA THR A 283 7.28 -7.81 -21.70
C THR A 283 6.85 -8.10 -23.15
N VAL A 284 6.31 -7.09 -23.87
CA VAL A 284 5.92 -7.22 -25.27
C VAL A 284 7.16 -7.64 -26.11
N PHE A 285 8.32 -7.03 -25.82
CA PHE A 285 9.56 -7.35 -26.52
C PHE A 285 10.18 -8.69 -26.10
N ASP A 286 9.94 -9.14 -24.85
CA ASP A 286 10.44 -10.42 -24.35
C ASP A 286 9.73 -11.60 -25.04
N TRP A 287 8.41 -11.46 -25.29
CA TRP A 287 7.57 -12.48 -25.93
C TRP A 287 7.59 -12.40 -27.45
N ASN A 288 7.67 -11.19 -28.02
CA ASN A 288 7.76 -10.98 -29.47
C ASN A 288 9.17 -10.46 -29.80
N HIS A 289 10.19 -11.27 -29.47
CA HIS A 289 11.60 -10.92 -29.67
C HIS A 289 12.04 -10.77 -31.15
N GLN A 290 11.20 -11.23 -32.10
CA GLN A 290 11.45 -11.17 -33.54
C GLN A 290 11.06 -9.81 -34.17
N ILE A 291 10.46 -8.90 -33.38
CA ILE A 291 10.07 -7.55 -33.79
C ILE A 291 11.33 -6.75 -34.13
N ILE A 292 11.32 -6.08 -35.30
CA ILE A 292 12.41 -5.21 -35.73
C ILE A 292 12.20 -3.89 -34.97
N ALA A 293 13.13 -3.55 -34.07
CA ALA A 293 13.06 -2.34 -33.25
C ALA A 293 13.22 -1.09 -34.07
N THR A 294 12.13 -0.36 -34.19
CA THR A 294 12.11 0.88 -34.94
C THR A 294 12.46 2.07 -34.01
N CYS A 295 12.16 3.17 -34.52
CA CYS A 295 12.38 4.47 -34.08
C CYS A 295 11.42 4.89 -33.09
N ASN A 296 10.17 4.61 -33.39
CA ASN A 296 9.03 4.82 -32.64
C ASN A 296 9.21 4.07 -31.33
N HIS A 297 9.80 2.84 -31.36
CA HIS A 297 10.07 2.00 -30.20
C HIS A 297 11.13 2.64 -29.32
N ASN A 298 12.06 3.40 -29.91
CA ASN A 298 13.12 4.11 -29.17
C ASN A 298 12.53 5.28 -28.38
N LEU A 299 11.62 6.05 -29.01
CA LEU A 299 10.93 7.18 -28.37
C LEU A 299 9.99 6.65 -27.29
N LEU A 300 9.27 5.54 -27.60
CA LEU A 300 8.32 4.90 -26.70
C LEU A 300 9.04 4.37 -25.48
N PHE A 301 10.24 3.77 -25.67
CA PHE A 301 11.07 3.29 -24.57
C PHE A 301 11.48 4.45 -23.66
N LEU A 302 12.01 5.58 -24.23
CA LEU A 302 12.44 6.76 -23.48
C LEU A 302 11.34 7.32 -22.58
N LEU A 303 10.11 7.50 -23.13
CA LEU A 303 8.95 8.00 -22.38
C LEU A 303 8.61 7.05 -21.24
N CYS A 304 8.65 5.72 -21.49
CA CYS A 304 8.38 4.65 -20.52
C CYS A 304 9.43 4.63 -19.43
N HIS A 305 10.71 4.67 -19.85
CA HIS A 305 11.88 4.65 -18.97
C HIS A 305 11.91 5.85 -18.03
N LEU A 306 11.69 7.07 -18.57
CA LEU A 306 11.64 8.32 -17.81
C LEU A 306 10.54 8.26 -16.75
N THR A 307 9.39 7.66 -17.10
CA THR A 307 8.24 7.48 -16.21
C THR A 307 8.67 6.55 -15.08
N ALA A 308 9.42 5.47 -15.39
CA ALA A 308 9.92 4.56 -14.37
C ALA A 308 10.96 5.23 -13.48
N MET A 309 11.71 6.20 -14.01
CA MET A 309 12.74 6.93 -13.27
C MET A 309 12.16 7.94 -12.27
N ILE A 310 10.89 8.36 -12.47
CA ILE A 310 10.16 9.28 -11.59
C ILE A 310 10.02 8.67 -10.18
N SER A 311 9.85 7.33 -10.09
CA SER A 311 9.73 6.58 -8.84
C SER A 311 10.98 6.66 -7.96
N THR A 312 12.15 6.95 -8.56
CA THR A 312 13.43 7.05 -7.85
C THR A 312 13.60 8.41 -7.13
N CYS A 313 12.64 9.35 -7.29
CA CYS A 313 12.75 10.66 -6.65
C CYS A 313 11.44 11.11 -5.96
N VAL A 314 10.33 10.36 -6.11
CA VAL A 314 9.04 10.70 -5.49
C VAL A 314 9.03 10.44 -3.96
N ASN A 315 9.59 9.29 -3.50
CA ASN A 315 9.67 8.87 -2.08
C ASN A 315 10.13 10.02 -1.16
N PRO A 316 11.29 10.71 -1.39
CA PRO A 316 11.64 11.85 -0.51
C PRO A 316 10.64 13.02 -0.56
N ILE A 317 10.00 13.26 -1.73
CA ILE A 317 8.99 14.31 -1.91
C ILE A 317 7.73 13.94 -1.09
N PHE A 318 7.47 12.62 -0.83
CA PHE A 318 6.34 12.18 0.00
C PHE A 318 6.62 12.50 1.48
N TYR A 319 7.87 12.23 1.93
CA TYR A 319 8.36 12.47 3.29
C TYR A 319 8.45 13.95 3.61
N GLY A 320 8.78 14.78 2.60
CA GLY A 320 8.89 16.23 2.72
C GLY A 320 7.53 16.88 2.90
N PHE A 321 6.54 16.44 2.10
CA PHE A 321 5.14 16.88 2.12
C PHE A 321 4.35 16.25 3.27
N LEU A 322 4.99 15.38 4.07
CA LEU A 322 4.37 14.71 5.21
C LEU A 322 4.33 15.64 6.44
N ASN A 323 5.33 16.54 6.59
CA ASN A 323 5.45 17.50 7.68
C ASN A 323 4.17 18.33 7.83
N LYS A 324 3.56 18.26 9.04
CA LYS A 324 2.30 18.92 9.42
C LYS A 324 2.34 20.45 9.27
N ASN A 325 3.50 21.08 9.60
CA ASN A 325 3.66 22.54 9.47
C ASN A 325 3.64 23.01 8.03
N PHE A 326 4.35 22.28 7.14
CA PHE A 326 4.41 22.57 5.70
C PHE A 326 3.03 22.39 5.05
N GLN A 327 2.25 21.40 5.52
CA GLN A 327 0.89 21.11 5.05
C GLN A 327 -0.07 22.24 5.45
N ARG A 328 0.10 22.76 6.68
CA ARG A 328 -0.67 23.88 7.25
C ARG A 328 -0.46 25.17 6.44
N ASP A 329 0.79 25.37 5.94
CA ASP A 329 1.18 26.49 5.09
C ASP A 329 0.52 26.32 3.71
N LEU A 330 0.58 25.08 3.16
CA LEU A 330 0.03 24.69 1.87
C LEU A 330 -1.48 24.87 1.83
N GLN A 331 -2.21 24.30 2.82
CA GLN A 331 -3.67 24.37 2.90
C GLN A 331 -4.19 25.80 3.14
N PHE A 332 -3.35 26.69 3.68
CA PHE A 332 -3.70 28.09 3.91
C PHE A 332 -3.48 28.97 2.66
N PHE A 333 -2.49 28.61 1.81
CA PHE A 333 -2.19 29.31 0.56
C PHE A 333 -3.18 28.87 -0.52
N PHE A 334 -3.26 27.54 -0.78
CA PHE A 334 -4.21 26.92 -1.71
C PHE A 334 -5.22 26.20 -0.81
N ASN A 335 -6.50 26.56 -0.87
CA ASN A 335 -7.53 25.93 -0.03
C ASN A 335 -7.88 24.47 -0.38
N PHE A 336 -7.51 24.01 -1.62
CA PHE A 336 -7.77 22.67 -2.18
C PHE A 336 -9.26 22.41 -2.43
N ASN A 366 -13.77 0.33 14.28
CA ASN A 366 -14.44 1.62 14.45
C ASN A 366 -15.70 1.48 15.27
N ILE A 367 -16.40 0.33 15.14
CA ILE A 367 -17.62 0.04 15.90
C ILE A 367 -17.22 -0.04 17.39
N PHE A 368 -16.10 -0.74 17.70
CA PHE A 368 -15.53 -0.89 19.03
C PHE A 368 -15.20 0.45 19.66
N GLU A 369 -14.54 1.33 18.91
CA GLU A 369 -14.15 2.66 19.37
C GLU A 369 -15.36 3.57 19.56
N MET A 370 -16.38 3.42 18.69
CA MET A 370 -17.61 4.20 18.75
C MET A 370 -18.42 3.83 19.98
N LEU A 371 -18.45 2.54 20.32
CA LEU A 371 -19.20 2.03 21.46
C LEU A 371 -18.43 2.11 22.79
N ARG A 372 -17.07 2.12 22.77
CA ARG A 372 -16.24 2.29 23.97
C ARG A 372 -16.41 3.73 24.52
N ILE A 373 -16.87 4.67 23.67
CA ILE A 373 -17.13 6.07 24.01
C ILE A 373 -18.57 6.19 24.50
N ASP A 374 -19.54 5.71 23.70
CA ASP A 374 -20.97 5.76 23.97
C ASP A 374 -21.46 4.90 25.14
N GLU A 375 -20.76 3.80 25.46
CA GLU A 375 -21.17 2.91 26.54
C GLU A 375 -20.06 2.63 27.56
N GLY A 376 -18.84 3.03 27.25
CA GLY A 376 -17.69 2.83 28.12
C GLY A 376 -17.20 1.40 28.18
N LEU A 377 -16.03 1.19 28.80
CA LEU A 377 -15.43 -0.13 28.98
C LEU A 377 -15.17 -0.39 30.46
N ARG A 378 -15.83 -1.43 30.99
CA ARG A 378 -15.71 -1.81 32.39
C ARG A 378 -15.24 -3.26 32.53
N LEU A 379 -14.23 -3.47 33.38
CA LEU A 379 -13.69 -4.82 33.56
C LEU A 379 -14.27 -5.55 34.77
N LYS A 380 -15.13 -4.84 35.56
CA LYS A 380 -15.84 -5.37 36.72
C LYS A 380 -17.34 -5.10 36.56
N ILE A 381 -18.19 -6.07 37.00
CA ILE A 381 -19.66 -6.04 36.99
C ILE A 381 -20.18 -4.73 37.60
N TYR A 382 -21.10 -4.08 36.91
CA TYR A 382 -21.67 -2.82 37.39
C TYR A 382 -23.16 -2.77 37.12
N LYS A 383 -23.88 -1.88 37.79
CA LYS A 383 -25.31 -1.76 37.54
C LYS A 383 -25.56 -0.66 36.51
N ASP A 384 -26.41 -0.94 35.51
CA ASP A 384 -26.75 0.03 34.46
C ASP A 384 -27.76 1.09 35.00
N THR A 385 -28.34 1.91 34.11
CA THR A 385 -29.33 2.94 34.47
C THR A 385 -30.62 2.32 35.07
N GLU A 386 -31.02 1.12 34.56
CA GLU A 386 -32.17 0.34 35.01
C GLU A 386 -31.85 -0.51 36.26
N GLY A 387 -30.58 -0.57 36.64
CA GLY A 387 -30.09 -1.29 37.80
C GLY A 387 -29.58 -2.69 37.52
N TYR A 388 -29.74 -3.16 36.27
CA TYR A 388 -29.33 -4.49 35.83
C TYR A 388 -27.81 -4.65 35.71
N TYR A 389 -27.30 -5.83 36.08
CA TYR A 389 -25.86 -6.14 36.05
C TYR A 389 -25.30 -6.23 34.64
N THR A 390 -24.37 -5.32 34.33
CA THR A 390 -23.69 -5.17 33.06
C THR A 390 -22.16 -5.42 33.27
N ILE A 391 -21.38 -5.49 32.18
CA ILE A 391 -19.92 -5.65 32.13
C ILE A 391 -19.42 -5.28 30.72
N GLY A 392 -18.18 -4.82 30.60
CA GLY A 392 -17.56 -4.42 29.34
C GLY A 392 -18.25 -3.25 28.68
N ILE A 393 -18.49 -3.40 27.37
CA ILE A 393 -19.15 -2.41 26.52
C ILE A 393 -20.64 -2.75 26.44
N GLY A 394 -21.37 -2.29 27.44
CA GLY A 394 -22.82 -2.46 27.59
C GLY A 394 -23.35 -3.88 27.48
N HIS A 395 -22.57 -4.88 27.94
CA HIS A 395 -22.98 -6.28 27.91
C HIS A 395 -23.79 -6.67 29.15
N LEU A 396 -25.12 -6.75 29.00
CA LEU A 396 -26.03 -7.16 30.07
C LEU A 396 -25.91 -8.66 30.31
N LEU A 397 -25.72 -9.03 31.59
CA LEU A 397 -25.59 -10.43 31.97
C LEU A 397 -26.94 -11.00 32.39
N THR A 398 -27.64 -10.31 33.33
CA THR A 398 -28.94 -10.72 33.86
C THR A 398 -29.81 -9.53 34.32
N LYS A 399 -31.13 -9.70 34.23
CA LYS A 399 -32.12 -8.73 34.68
C LYS A 399 -32.62 -9.08 36.11
N SER A 400 -31.99 -10.11 36.74
CA SER A 400 -32.29 -10.60 38.09
C SER A 400 -31.59 -9.76 39.18
N PRO A 401 -32.08 -9.74 40.45
CA PRO A 401 -31.39 -8.97 41.50
C PRO A 401 -30.13 -9.65 42.04
N SER A 402 -29.97 -10.96 41.76
CA SER A 402 -28.84 -11.76 42.24
C SER A 402 -27.50 -11.40 41.59
N LEU A 403 -26.44 -11.37 42.38
CA LEU A 403 -25.08 -11.09 41.91
C LEU A 403 -24.40 -12.40 41.52
N ASN A 404 -24.73 -13.51 42.22
CA ASN A 404 -24.21 -14.85 41.94
C ASN A 404 -24.69 -15.38 40.59
N ALA A 405 -25.93 -15.00 40.18
CA ALA A 405 -26.53 -15.35 38.88
C ALA A 405 -25.75 -14.65 37.75
N ALA A 406 -25.43 -13.35 37.95
CA ALA A 406 -24.64 -12.53 37.04
C ALA A 406 -23.25 -13.13 36.89
N LYS A 407 -22.59 -13.48 38.03
CA LYS A 407 -21.26 -14.10 38.08
C LYS A 407 -21.27 -15.48 37.40
N SER A 408 -22.39 -16.23 37.49
CA SER A 408 -22.57 -17.53 36.83
C SER A 408 -22.63 -17.32 35.32
N GLU A 409 -23.54 -16.41 34.86
CA GLU A 409 -23.71 -16.04 33.45
C GLU A 409 -22.41 -15.52 32.85
N LEU A 410 -21.62 -14.78 33.64
CA LEU A 410 -20.32 -14.25 33.24
C LEU A 410 -19.32 -15.39 33.06
N ASP A 411 -19.31 -16.35 34.02
CA ASP A 411 -18.43 -17.51 33.99
C ASP A 411 -18.71 -18.43 32.79
N LYS A 412 -19.98 -18.51 32.34
CA LYS A 412 -20.42 -19.29 31.18
C LYS A 412 -19.94 -18.62 29.91
N ALA A 413 -20.16 -17.29 29.77
CA ALA A 413 -19.79 -16.48 28.62
C ALA A 413 -18.30 -16.51 28.31
N ILE A 414 -17.46 -16.34 29.36
CA ILE A 414 -15.99 -16.30 29.28
C ILE A 414 -15.39 -17.73 29.23
N GLY A 415 -15.93 -18.64 30.04
CA GLY A 415 -15.47 -20.02 30.15
C GLY A 415 -14.32 -20.14 31.14
N ARG A 416 -14.44 -19.44 32.29
CA ARG A 416 -13.44 -19.35 33.36
C ARG A 416 -14.13 -18.81 34.60
N ASN A 417 -13.55 -19.03 35.81
CA ASN A 417 -14.07 -18.43 37.04
C ASN A 417 -13.50 -17.01 37.10
N THR A 418 -14.25 -16.06 36.52
CA THR A 418 -13.89 -14.65 36.42
C THR A 418 -13.85 -13.96 37.79
N ASN A 419 -14.82 -14.31 38.66
CA ASN A 419 -15.06 -13.76 40.00
C ASN A 419 -15.41 -12.26 39.89
N GLY A 420 -16.30 -11.96 38.94
CA GLY A 420 -16.78 -10.62 38.63
C GLY A 420 -15.76 -9.67 38.02
N VAL A 421 -14.69 -10.20 37.39
CA VAL A 421 -13.64 -9.38 36.76
C VAL A 421 -13.06 -10.08 35.50
N ILE A 422 -12.93 -9.30 34.40
CA ILE A 422 -12.42 -9.74 33.10
C ILE A 422 -11.26 -8.86 32.59
N THR A 423 -10.54 -9.31 31.54
CA THR A 423 -9.46 -8.52 30.93
C THR A 423 -10.01 -7.78 29.71
N LYS A 424 -9.24 -6.84 29.12
CA LYS A 424 -9.68 -6.09 27.95
C LYS A 424 -9.86 -6.99 26.70
N ASP A 425 -9.11 -8.12 26.62
CA ASP A 425 -9.20 -9.10 25.54
C ASP A 425 -10.55 -9.83 25.63
N GLU A 426 -10.89 -10.33 26.85
CA GLU A 426 -12.15 -11.03 27.19
C GLU A 426 -13.34 -10.06 27.01
N ALA A 427 -13.09 -8.74 27.21
CA ALA A 427 -14.06 -7.66 27.04
C ALA A 427 -14.32 -7.39 25.57
N GLU A 428 -13.26 -7.45 24.73
CA GLU A 428 -13.30 -7.25 23.28
C GLU A 428 -14.01 -8.42 22.59
N LYS A 429 -13.71 -9.67 23.04
CA LYS A 429 -14.29 -10.90 22.51
C LYS A 429 -15.79 -10.93 22.81
N LEU A 430 -16.19 -10.52 24.02
CA LEU A 430 -17.56 -10.45 24.49
C LEU A 430 -18.34 -9.44 23.67
N PHE A 431 -17.66 -8.35 23.26
CA PHE A 431 -18.21 -7.30 22.41
C PHE A 431 -18.32 -7.83 20.97
N ASN A 432 -17.28 -8.57 20.50
CA ASN A 432 -17.26 -9.20 19.17
C ASN A 432 -18.45 -10.14 19.06
N GLN A 433 -18.68 -10.97 20.11
CA GLN A 433 -19.81 -11.89 20.23
C GLN A 433 -21.13 -11.11 20.24
N ASP A 434 -21.15 -9.92 20.88
CA ASP A 434 -22.33 -9.06 20.97
C ASP A 434 -22.70 -8.49 19.61
N VAL A 435 -21.73 -7.88 18.89
CA VAL A 435 -21.93 -7.28 17.57
C VAL A 435 -22.28 -8.37 16.52
N ASP A 436 -21.69 -9.58 16.64
CA ASP A 436 -21.98 -10.72 15.75
C ASP A 436 -23.41 -11.17 15.93
N ALA A 437 -23.89 -11.22 17.20
CA ALA A 437 -25.27 -11.58 17.54
C ALA A 437 -26.23 -10.45 17.12
N ALA A 438 -25.75 -9.20 17.17
CA ALA A 438 -26.51 -8.01 16.79
C ALA A 438 -26.70 -7.95 15.27
N VAL A 439 -25.67 -8.34 14.49
CA VAL A 439 -25.71 -8.31 13.03
C VAL A 439 -26.61 -9.45 12.49
N ARG A 440 -26.58 -10.66 13.10
CA ARG A 440 -27.42 -11.80 12.67
C ARG A 440 -28.91 -11.56 12.96
N GLY A 441 -29.18 -10.77 14.00
CA GLY A 441 -30.52 -10.36 14.39
C GLY A 441 -31.08 -9.33 13.44
N ILE A 442 -30.21 -8.41 12.94
CA ILE A 442 -30.54 -7.36 11.97
C ILE A 442 -31.00 -8.02 10.64
N LEU A 443 -30.27 -9.06 10.20
CA LEU A 443 -30.56 -9.83 8.99
C LEU A 443 -31.86 -10.67 9.07
N ARG A 444 -32.20 -11.19 10.27
CA ARG A 444 -33.42 -11.96 10.52
C ARG A 444 -34.64 -11.01 10.52
N ASN A 445 -34.43 -9.73 10.91
CA ASN A 445 -35.46 -8.70 10.95
C ASN A 445 -35.75 -8.19 9.52
N ALA A 446 -37.05 -8.14 9.16
CA ALA A 446 -37.52 -7.73 7.84
C ALA A 446 -37.35 -6.23 7.53
N LYS A 447 -37.33 -5.37 8.57
CA LYS A 447 -37.17 -3.91 8.41
C LYS A 447 -35.69 -3.50 8.49
N LEU A 448 -34.87 -4.29 9.22
CA LEU A 448 -33.45 -4.02 9.42
C LEU A 448 -32.54 -4.57 8.32
N LYS A 449 -32.84 -5.76 7.78
CA LYS A 449 -32.05 -6.39 6.70
C LYS A 449 -31.92 -5.52 5.42
N PRO A 450 -32.98 -4.84 4.89
CA PRO A 450 -32.79 -4.03 3.66
C PRO A 450 -32.04 -2.72 3.87
N VAL A 451 -32.31 -1.99 4.99
CA VAL A 451 -31.68 -0.71 5.31
C VAL A 451 -30.17 -0.87 5.62
N TYR A 452 -29.77 -2.00 6.26
CA TYR A 452 -28.38 -2.31 6.60
C TYR A 452 -27.53 -2.57 5.35
N ASP A 453 -28.04 -3.39 4.39
CA ASP A 453 -27.39 -3.75 3.13
C ASP A 453 -27.04 -2.52 2.28
N SER A 454 -27.96 -1.55 2.21
CA SER A 454 -27.79 -0.29 1.47
C SER A 454 -26.79 0.66 2.15
N LEU A 455 -26.67 0.55 3.49
CA LEU A 455 -25.80 1.39 4.31
C LEU A 455 -24.32 1.01 4.28
N ASP A 456 -23.45 2.03 4.23
CA ASP A 456 -21.99 1.93 4.23
C ASP A 456 -21.47 1.55 5.63
N ALA A 457 -20.21 1.07 5.72
CA ALA A 457 -19.52 0.65 6.96
C ALA A 457 -19.55 1.66 8.12
N VAL A 458 -19.60 2.98 7.83
CA VAL A 458 -19.64 4.04 8.86
C VAL A 458 -21.07 4.16 9.42
N ARG A 459 -22.09 4.17 8.52
CA ARG A 459 -23.49 4.26 8.90
C ARG A 459 -24.05 2.94 9.46
N ARG A 460 -23.36 1.81 9.15
CA ARG A 460 -23.68 0.47 9.65
C ARG A 460 -23.29 0.39 11.13
N ALA A 461 -22.20 1.10 11.51
CA ALA A 461 -21.66 1.18 12.87
C ALA A 461 -22.62 1.95 13.78
N ALA A 462 -23.30 2.98 13.23
CA ALA A 462 -24.29 3.81 13.92
C ALA A 462 -25.58 3.01 14.18
N LEU A 463 -25.98 2.16 13.22
CA LEU A 463 -27.17 1.29 13.33
C LEU A 463 -26.90 0.15 14.32
N ILE A 464 -25.63 -0.32 14.41
CA ILE A 464 -25.19 -1.33 15.36
C ILE A 464 -25.11 -0.71 16.76
N ASN A 465 -24.68 0.56 16.85
CA ASN A 465 -24.62 1.33 18.10
C ASN A 465 -26.04 1.45 18.69
N MET A 466 -27.04 1.73 17.81
CA MET A 466 -28.45 1.85 18.16
C MET A 466 -29.02 0.54 18.73
N VAL A 467 -28.71 -0.62 18.09
CA VAL A 467 -29.18 -1.93 18.57
C VAL A 467 -28.54 -2.31 19.93
N PHE A 468 -27.38 -1.73 20.25
CA PHE A 468 -26.69 -1.95 21.53
C PHE A 468 -27.39 -1.22 22.66
N GLN A 469 -28.16 -0.15 22.34
CA GLN A 469 -28.88 0.64 23.32
C GLN A 469 -30.31 0.14 23.56
N MET A 470 -31.14 0.03 22.49
CA MET A 470 -32.54 -0.41 22.59
C MET A 470 -32.75 -1.91 22.38
N GLY A 471 -32.24 -2.43 21.27
CA GLY A 471 -32.38 -3.83 20.89
C GLY A 471 -32.94 -3.98 19.50
N GLU A 472 -33.04 -5.23 19.01
CA GLU A 472 -33.54 -5.59 17.67
C GLU A 472 -34.98 -5.09 17.36
N THR A 473 -35.87 -5.11 18.38
CA THR A 473 -37.27 -4.67 18.24
C THR A 473 -37.45 -3.15 18.43
N GLY A 474 -36.60 -2.54 19.26
CA GLY A 474 -36.64 -1.11 19.55
C GLY A 474 -36.26 -0.25 18.36
N VAL A 475 -35.23 -0.67 17.62
CA VAL A 475 -34.72 0.03 16.43
C VAL A 475 -35.70 -0.05 15.25
N ALA A 476 -36.41 -1.20 15.10
CA ALA A 476 -37.39 -1.43 14.03
C ALA A 476 -38.67 -0.59 14.25
N GLY A 477 -38.82 -0.05 15.46
CA GLY A 477 -39.92 0.82 15.86
C GLY A 477 -39.83 2.21 15.23
N PHE A 478 -38.65 2.52 14.65
CA PHE A 478 -38.36 3.78 13.94
C PHE A 478 -38.71 3.61 12.45
N THR A 479 -39.95 3.17 12.16
CA THR A 479 -40.48 2.93 10.80
C THR A 479 -40.29 4.11 9.85
N ASN A 480 -40.48 5.34 10.37
CA ASN A 480 -40.35 6.59 9.61
C ASN A 480 -38.90 6.86 9.15
N SER A 481 -37.94 6.95 10.10
CA SER A 481 -36.52 7.24 9.86
C SER A 481 -35.77 6.17 9.06
N LEU A 482 -36.05 4.87 9.32
CA LEU A 482 -35.42 3.72 8.63
C LEU A 482 -35.67 3.75 7.13
N ARG A 483 -36.88 4.20 6.72
CA ARG A 483 -37.32 4.33 5.33
C ARG A 483 -36.46 5.37 4.61
N MET A 484 -36.22 6.51 5.28
CA MET A 484 -35.45 7.63 4.74
C MET A 484 -33.95 7.35 4.68
N LEU A 485 -33.41 6.56 5.63
CA LEU A 485 -31.99 6.16 5.61
C LEU A 485 -31.71 5.16 4.48
N GLN A 486 -32.72 4.33 4.16
CA GLN A 486 -32.74 3.34 3.08
C GLN A 486 -32.74 4.06 1.72
N GLN A 487 -33.44 5.21 1.63
CA GLN A 487 -33.56 6.04 0.42
C GLN A 487 -32.44 7.11 0.34
N LYS A 488 -31.39 6.98 1.17
CA LYS A 488 -30.22 7.88 1.28
C LYS A 488 -30.57 9.34 1.70
N ARG A 489 -31.82 9.56 2.15
CA ARG A 489 -32.29 10.86 2.66
C ARG A 489 -31.88 10.88 4.13
N TRP A 490 -30.63 11.30 4.41
CA TRP A 490 -30.07 11.29 5.76
C TRP A 490 -30.49 12.48 6.62
N ASP A 491 -30.46 13.71 6.06
CA ASP A 491 -30.83 14.94 6.76
C ASP A 491 -32.31 14.96 7.15
N GLU A 492 -33.19 14.37 6.29
CA GLU A 492 -34.62 14.25 6.51
C GLU A 492 -34.91 13.21 7.60
N ALA A 493 -34.01 12.21 7.74
CA ALA A 493 -34.10 11.15 8.74
C ALA A 493 -33.55 11.63 10.08
N ALA A 494 -32.46 12.45 10.06
CA ALA A 494 -31.79 13.02 11.23
C ALA A 494 -32.71 13.92 12.06
N VAL A 495 -33.58 14.70 11.39
CA VAL A 495 -34.54 15.59 12.04
C VAL A 495 -35.71 14.79 12.66
N ASN A 496 -36.08 13.64 12.04
CA ASN A 496 -37.16 12.77 12.47
C ASN A 496 -36.79 12.02 13.75
N SER A 500 -38.41 11.28 18.79
CA SER A 500 -38.51 10.07 19.62
C SER A 500 -37.94 10.29 21.02
N ARG A 501 -38.42 9.46 21.99
CA ARG A 501 -38.01 9.45 23.40
C ARG A 501 -36.51 9.21 23.59
N TRP A 502 -35.86 8.60 22.58
CA TRP A 502 -34.42 8.31 22.51
C TRP A 502 -33.55 9.56 22.66
N TYR A 503 -33.95 10.68 22.03
CA TYR A 503 -33.21 11.96 22.16
C TYR A 503 -33.53 12.61 23.52
N ASN A 504 -34.72 12.30 24.08
CA ASN A 504 -35.18 12.82 25.37
C ASN A 504 -34.41 12.22 26.55
N GLN A 505 -34.16 10.89 26.53
CA GLN A 505 -33.44 10.20 27.62
C GLN A 505 -31.96 10.58 27.67
N THR A 506 -31.21 10.42 26.55
CA THR A 506 -29.80 10.80 26.45
C THR A 506 -29.58 11.70 25.23
N PRO A 507 -29.47 13.04 25.42
CA PRO A 507 -29.29 13.92 24.25
C PRO A 507 -27.88 13.88 23.64
N ASN A 508 -26.83 13.78 24.48
CA ASN A 508 -25.43 13.75 24.06
C ASN A 508 -25.07 12.55 23.18
N ARG A 509 -25.47 11.33 23.61
CA ARG A 509 -25.22 10.09 22.88
C ARG A 509 -26.00 10.01 21.57
N ALA A 510 -27.32 10.34 21.59
CA ALA A 510 -28.22 10.33 20.43
C ALA A 510 -27.78 11.25 19.30
N LYS A 511 -27.20 12.42 19.61
CA LYS A 511 -26.70 13.36 18.60
C LYS A 511 -25.38 12.88 17.99
N ARG A 512 -24.54 12.17 18.78
CA ARG A 512 -23.25 11.61 18.35
C ARG A 512 -23.44 10.58 17.23
N VAL A 513 -24.53 9.78 17.29
CA VAL A 513 -24.88 8.75 16.31
C VAL A 513 -25.73 9.31 15.15
N ILE A 514 -26.51 10.39 15.39
CA ILE A 514 -27.33 11.07 14.37
C ILE A 514 -26.39 11.75 13.34
N THR A 515 -25.32 12.42 13.84
CA THR A 515 -24.29 13.10 13.05
C THR A 515 -23.58 12.10 12.13
N THR A 516 -23.29 10.88 12.65
CA THR A 516 -22.63 9.83 11.87
C THR A 516 -23.58 9.27 10.78
N PHE A 517 -24.91 9.30 11.04
CA PHE A 517 -25.91 8.86 10.07
C PHE A 517 -26.08 9.92 8.98
N ARG A 518 -25.98 11.21 9.35
CA ARG A 518 -26.11 12.34 8.45
C ARG A 518 -24.87 12.55 7.59
N THR A 519 -23.69 12.72 8.23
CA THR A 519 -22.41 12.99 7.57
C THR A 519 -21.75 11.75 6.95
N GLY A 520 -21.68 10.67 7.72
CA GLY A 520 -21.06 9.42 7.29
C GLY A 520 -19.58 9.35 7.65
N THR A 521 -19.17 10.12 8.68
CA THR A 521 -17.79 10.21 9.18
C THR A 521 -17.79 10.35 10.73
N TRP A 522 -16.60 10.37 11.35
CA TRP A 522 -16.42 10.46 12.82
C TRP A 522 -16.10 11.89 13.29
N ASP A 523 -17.10 12.78 13.19
CA ASP A 523 -16.98 14.18 13.62
C ASP A 523 -17.10 14.29 15.13
N ALA A 524 -18.16 13.67 15.69
CA ALA A 524 -18.48 13.63 17.11
C ALA A 524 -17.43 12.85 17.93
N TYR A 525 -16.83 11.81 17.32
CA TYR A 525 -15.84 10.93 17.97
C TYR A 525 -14.41 11.34 17.63
C1 9AO B . 10.06 -4.03 -15.55
N2 9AO B . 12.67 -7.77 -19.52
C2 9AO B . 9.89 -5.54 -15.23
O2 9AO B . 16.38 -2.79 -24.17
N3 9AO B . 14.23 -7.46 -21.16
N1 9AO B . 10.80 -8.38 -18.39
C3 9AO B . 9.75 -7.87 -16.07
O3 9AO B . 14.13 -1.39 -19.97
C25 9AO B . 15.36 -1.56 -20.09
N6 9AO B . 16.25 -1.24 -19.12
C26 9AO B . 15.89 -0.81 -17.77
C27 9AO B . 15.63 -1.98 -17.01
C32 9AO B . 14.32 -2.29 -16.62
C31 9AO B . 14.06 -3.46 -15.89
C30 9AO B . 15.11 -4.32 -15.54
O4 9AO B . 14.87 -5.48 -14.83
C29 9AO B . 16.42 -4.03 -15.94
C28 9AO B . 16.69 -2.88 -16.70
C10 9AO B . 15.96 -2.27 -21.33
N5 9AO B . 14.95 -2.54 -22.40
C11 9AO B . 15.24 -2.80 -23.71
C12 9AO B . 14.04 -3.19 -24.61
C19 9AO B . 14.06 -4.61 -24.79
C24 9AO B . 13.14 -5.41 -24.09
C23 9AO B . 13.18 -6.80 -24.21
C22 9AO B . 14.15 -7.44 -25.01
C21 9AO B . 15.09 -6.66 -25.69
C20 9AO B . 15.05 -5.27 -25.57
C13 9AO B . 13.89 -2.38 -25.80
C18 9AO B . 13.32 -2.85 -26.99
C17 9AO B . 13.18 -2.04 -28.12
C16 9AO B . 13.53 -0.70 -28.06
C15 9AO B . 14.06 -0.19 -26.87
C14 9AO B . 14.23 -1.01 -25.75
C9 9AO B . 16.54 -3.64 -20.85
C8 9AO B . 15.41 -4.52 -20.27
C7 9AO B . 15.88 -5.77 -19.51
N4 9AO B . 14.67 -6.50 -19.05
C6 9AO B . 13.86 -7.23 -19.88
C5 9AO B . 12.01 -7.75 -18.34
O1 9AO B . 12.47 -7.17 -17.36
C4 9AO B . 9.79 -8.71 -17.35
N 9AO B . 9.87 -6.41 -16.28
O 9AO B . 9.73 -5.90 -14.05
C 9AO B . 10.52 -3.77 -16.99
#